data_1AKN
#
_entry.id   1AKN
#
_cell.length_a   94.390
_cell.length_b   94.390
_cell.length_c   144.510
_cell.angle_alpha   90.00
_cell.angle_beta   90.00
_cell.angle_gamma   120.00
#
_symmetry.space_group_name_H-M   'P 31 2 1'
#
loop_
_entity.id
_entity.type
_entity.pdbx_description
1 polymer 'BILE-SALT ACTIVATED LIPASE'
2 non-polymer 2-acetamido-2-deoxy-beta-D-glucopyranose
#
_entity_poly.entity_id   1
_entity_poly.type   'polypeptide(L)'
_entity_poly.pdbx_seq_one_letter_code
;AKLGSVYTEGGFVEGVNKKLSLFGDSIDIFKGIPFAAAPKALEKPERHPGWQGTLKAKSFKKRCLQATLTQDSTYGNEDC
LYLNIWVPQGRKEVSHDLPVMIWIYGGAFLMGASQGANFLSNYLYDGEEIATRGNVIVVTFNYRVGPLGFLSTGDSNLPG
NYGLWDQHMAIAWVKRNIEAFGGDPDNITLFGESAGGASVSLQTLSPYNKGLIKRAISQSGVGLCPWAIQQDPLFWAKRI
AEKVGCPVDDTSKMAGCLKITDPRALTLAYKLPLGSTEYPKLHYLSFVPVIDGDFIPDDPVNLYANAADVDYIAGTNDMD
GHLFVGMDVPAINSNKQDVTEEDFYKLVSGLTVTKGLRGANATYEVYTEPWAQDSSQETRKKTMVDLETDILFLIPTKIA
VAQHKSHAKSANTYTYLFSQPSRMPIYPKWMGADHADDLQYVFGKPFATPLGYRAQDRTVSKAMIAYWTNFARTGDPNTG
HSTVPANWDPYTLEDDNYLEINKQMDSNSMKLHLRTNYLQFWTQTYQALPTVTSAGASLLPPEDNSQASPVPPADNSGAP
TEPSAGDSEVAQMPVVIGF
;
_entity_poly.pdbx_strand_id   A
#
# COMPACT_ATOMS: atom_id res chain seq x y z
N ALA A 1 -29.36 -17.53 1.12
CA ALA A 1 -29.01 -18.65 0.24
C ALA A 1 -27.58 -19.14 0.47
N LYS A 2 -27.17 -20.15 -0.29
CA LYS A 2 -25.83 -20.70 -0.16
C LYS A 2 -25.29 -20.94 -1.56
N LEU A 3 -24.01 -20.63 -1.74
CA LEU A 3 -23.37 -20.78 -3.04
C LEU A 3 -23.13 -22.27 -3.33
N GLY A 4 -22.60 -22.97 -2.35
CA GLY A 4 -22.34 -24.39 -2.53
C GLY A 4 -21.02 -24.59 -3.26
N SER A 5 -20.98 -25.56 -4.16
CA SER A 5 -19.78 -25.86 -4.95
C SER A 5 -19.81 -24.99 -6.21
N VAL A 6 -18.78 -24.18 -6.38
CA VAL A 6 -18.71 -23.32 -7.54
C VAL A 6 -17.69 -23.91 -8.50
N TYR A 7 -17.98 -23.85 -9.79
CA TYR A 7 -17.05 -24.36 -10.79
C TYR A 7 -16.27 -23.15 -11.32
N THR A 8 -14.95 -23.19 -11.17
CA THR A 8 -14.07 -22.13 -11.64
C THR A 8 -13.13 -22.72 -12.71
N GLU A 9 -12.40 -21.87 -13.40
CA GLU A 9 -11.50 -22.32 -14.45
C GLU A 9 -10.67 -23.54 -14.08
N GLY A 10 -10.27 -23.64 -12.82
CA GLY A 10 -9.44 -24.76 -12.41
C GLY A 10 -10.15 -26.02 -11.97
N GLY A 11 -11.39 -25.88 -11.52
CA GLY A 11 -12.15 -27.02 -11.05
C GLY A 11 -13.12 -26.59 -9.99
N PHE A 12 -13.68 -27.55 -9.26
CA PHE A 12 -14.65 -27.25 -8.23
C PHE A 12 -14.03 -26.75 -6.95
N VAL A 13 -14.70 -25.81 -6.32
CA VAL A 13 -14.24 -25.22 -5.09
C VAL A 13 -15.41 -25.16 -4.13
N GLU A 14 -15.12 -25.42 -2.85
CA GLU A 14 -16.13 -25.43 -1.79
C GLU A 14 -15.60 -24.75 -0.53
N GLY A 15 -16.38 -23.82 -0.01
CA GLY A 15 -16.00 -23.11 1.20
C GLY A 15 -17.03 -23.34 2.28
N VAL A 16 -17.06 -22.49 3.30
CA VAL A 16 -18.01 -22.65 4.38
C VAL A 16 -19.06 -21.54 4.38
N ASN A 17 -20.27 -21.87 4.79
CA ASN A 17 -21.36 -20.89 4.85
C ASN A 17 -21.57 -20.55 6.32
N LYS A 18 -21.28 -19.30 6.70
CA LYS A 18 -21.43 -18.86 8.07
C LYS A 18 -22.78 -18.15 8.18
N LYS A 19 -23.66 -18.65 9.04
CA LYS A 19 -24.99 -18.03 9.23
C LYS A 19 -24.83 -16.81 10.12
N LEU A 20 -25.52 -15.74 9.74
CA LEU A 20 -25.39 -14.49 10.46
C LEU A 20 -26.66 -13.97 11.13
N SER A 21 -27.74 -14.72 11.04
CA SER A 21 -28.95 -14.25 11.69
C SER A 21 -30.03 -15.32 11.63
N LEU A 22 -31.12 -15.07 12.35
CA LEU A 22 -32.24 -15.98 12.37
C LEU A 22 -33.15 -15.68 11.19
N PHE A 23 -32.65 -14.93 10.20
CA PHE A 23 -33.46 -14.59 9.04
C PHE A 23 -32.83 -14.93 7.68
N GLY A 24 -31.98 -15.95 7.65
CA GLY A 24 -31.36 -16.38 6.41
C GLY A 24 -30.05 -15.72 6.06
N ASP A 25 -29.81 -14.51 6.57
CA ASP A 25 -28.58 -13.79 6.29
C ASP A 25 -27.37 -14.66 6.62
N SER A 26 -26.53 -14.94 5.62
CA SER A 26 -25.34 -15.74 5.82
C SER A 26 -24.23 -15.10 5.03
N ILE A 27 -23.08 -15.79 4.98
CA ILE A 27 -21.94 -15.32 4.21
C ILE A 27 -21.07 -16.49 3.83
N ASP A 28 -20.94 -16.71 2.53
CA ASP A 28 -20.11 -17.80 2.07
C ASP A 28 -18.67 -17.33 2.19
N ILE A 29 -17.79 -18.17 2.72
CA ILE A 29 -16.39 -17.80 2.88
C ILE A 29 -15.44 -18.88 2.34
N PHE A 30 -14.78 -18.58 1.21
CA PHE A 30 -13.81 -19.51 0.60
C PHE A 30 -12.40 -19.01 0.95
N LYS A 31 -11.49 -19.92 1.31
CA LYS A 31 -10.11 -19.53 1.64
C LYS A 31 -9.13 -20.56 1.09
N GLY A 32 -8.04 -20.11 0.49
CA GLY A 32 -7.04 -21.04 -0.03
C GLY A 32 -7.15 -21.49 -1.47
N ILE A 33 -7.85 -20.73 -2.32
CA ILE A 33 -7.97 -21.08 -3.74
C ILE A 33 -6.70 -20.58 -4.42
N PRO A 34 -6.01 -21.44 -5.20
CA PRO A 34 -4.78 -21.01 -5.88
C PRO A 34 -5.02 -20.28 -7.21
N PHE A 35 -4.49 -19.06 -7.33
CA PHE A 35 -4.63 -18.26 -8.54
C PHE A 35 -3.47 -18.43 -9.53
N ALA A 36 -2.40 -19.07 -9.06
CA ALA A 36 -1.23 -19.32 -9.87
C ALA A 36 -0.56 -20.61 -9.40
N ALA A 37 0.45 -21.09 -10.13
CA ALA A 37 1.17 -22.31 -9.74
C ALA A 37 2.28 -21.87 -8.81
N ALA A 38 2.72 -22.78 -7.93
CA ALA A 38 3.78 -22.50 -6.97
C ALA A 38 4.95 -21.83 -7.69
N PRO A 39 5.21 -20.56 -7.37
CA PRO A 39 6.30 -19.83 -8.03
C PRO A 39 7.73 -20.33 -7.74
N LYS A 40 8.58 -20.27 -8.76
CA LYS A 40 9.97 -20.67 -8.61
C LYS A 40 10.75 -19.46 -8.15
N ALA A 41 11.75 -19.69 -7.32
CA ALA A 41 12.56 -18.60 -6.79
C ALA A 41 12.93 -17.60 -7.86
N LEU A 42 12.72 -16.32 -7.58
CA LEU A 42 13.06 -15.26 -8.51
C LEU A 42 12.59 -15.48 -9.96
N GLU A 43 11.40 -16.08 -10.11
CA GLU A 43 10.83 -16.32 -11.42
C GLU A 43 9.36 -15.90 -11.47
N LYS A 44 8.95 -15.36 -12.61
CA LYS A 44 7.57 -14.91 -12.80
C LYS A 44 6.59 -16.06 -12.58
N PRO A 45 5.35 -15.74 -12.19
CA PRO A 45 4.31 -16.73 -11.96
C PRO A 45 3.60 -17.22 -13.23
N GLU A 46 3.17 -18.48 -13.21
CA GLU A 46 2.45 -19.09 -14.32
C GLU A 46 1.03 -19.34 -13.83
N ARG A 47 0.09 -19.51 -14.76
CA ARG A 47 -1.30 -19.76 -14.37
C ARG A 47 -1.41 -21.14 -13.77
N HIS A 48 -2.32 -21.32 -12.82
CA HIS A 48 -2.48 -22.62 -12.21
C HIS A 48 -3.16 -23.52 -13.22
N PRO A 49 -2.62 -24.74 -13.45
CA PRO A 49 -3.10 -25.79 -14.37
C PRO A 49 -4.44 -26.44 -14.08
N GLY A 50 -4.87 -26.37 -12.82
CA GLY A 50 -6.15 -26.94 -12.45
C GLY A 50 -5.98 -28.07 -11.47
N TRP A 51 -7.08 -28.73 -11.14
CA TRP A 51 -7.05 -29.85 -10.21
C TRP A 51 -8.26 -30.69 -10.50
N GLN A 52 -8.18 -31.96 -10.16
CA GLN A 52 -9.31 -32.84 -10.37
C GLN A 52 -10.19 -32.88 -9.12
N GLY A 53 -11.50 -32.86 -9.33
CA GLY A 53 -12.43 -32.92 -8.22
C GLY A 53 -12.74 -31.61 -7.52
N THR A 54 -12.95 -31.69 -6.21
CA THR A 54 -13.29 -30.53 -5.41
C THR A 54 -12.14 -30.07 -4.51
N LEU A 55 -12.04 -28.76 -4.35
CA LEU A 55 -11.02 -28.15 -3.51
C LEU A 55 -11.79 -27.64 -2.29
N LYS A 56 -11.35 -28.04 -1.11
CA LYS A 56 -12.02 -27.59 0.09
C LYS A 56 -11.28 -26.35 0.62
N ALA A 57 -11.72 -25.20 0.12
CA ALA A 57 -11.16 -23.90 0.47
C ALA A 57 -11.76 -23.46 1.79
N LYS A 58 -11.23 -24.01 2.87
CA LYS A 58 -11.77 -23.69 4.19
C LYS A 58 -10.80 -23.07 5.17
N SER A 59 -9.58 -22.78 4.74
CA SER A 59 -8.60 -22.17 5.64
C SER A 59 -7.44 -21.53 4.88
N PHE A 60 -6.94 -20.42 5.42
CA PHE A 60 -5.83 -19.70 4.83
C PHE A 60 -4.65 -20.63 4.66
N LYS A 61 -3.98 -20.54 3.53
CA LYS A 61 -2.82 -21.37 3.28
C LYS A 61 -1.58 -20.62 3.79
N LYS A 62 -0.40 -21.19 3.59
CA LYS A 62 0.83 -20.56 4.03
C LYS A 62 1.02 -19.16 3.44
N ARG A 63 1.43 -18.20 4.26
CA ARG A 63 1.71 -16.87 3.76
C ARG A 63 3.03 -17.05 3.01
N CYS A 64 3.48 -16.06 2.25
CA CYS A 64 4.72 -16.20 1.50
C CYS A 64 5.95 -16.18 2.39
N LEU A 65 6.99 -16.90 1.99
CA LEU A 65 8.22 -16.96 2.77
C LEU A 65 8.74 -15.55 3.06
N GLN A 66 8.98 -15.30 4.34
CA GLN A 66 9.46 -14.01 4.83
C GLN A 66 10.09 -14.20 6.21
N ALA A 67 10.68 -13.14 6.74
CA ALA A 67 11.30 -13.22 8.06
C ALA A 67 10.34 -12.83 9.16
N THR A 68 10.60 -13.36 10.34
CA THR A 68 9.78 -13.11 11.50
C THR A 68 10.06 -11.68 11.98
N LEU A 69 10.85 -11.51 13.03
CA LEU A 69 11.14 -10.15 13.52
C LEU A 69 12.63 -10.05 13.77
N THR A 70 13.21 -11.15 14.25
CA THR A 70 14.64 -11.16 14.51
C THR A 70 15.39 -12.23 13.69
N GLN A 71 15.30 -13.50 14.06
CA GLN A 71 16.01 -14.56 13.32
C GLN A 71 15.17 -15.20 12.24
N ASP A 72 14.39 -16.21 12.61
CA ASP A 72 13.51 -16.97 11.71
C ASP A 72 13.17 -16.38 10.33
N SER A 73 13.76 -16.89 9.26
CA SER A 73 13.39 -16.44 7.91
C SER A 73 12.23 -17.38 7.63
N THR A 74 11.27 -17.35 8.52
CA THR A 74 10.16 -18.25 8.40
C THR A 74 8.85 -17.60 8.74
N TYR A 75 7.89 -17.89 7.88
CA TYR A 75 6.54 -17.42 8.05
C TYR A 75 5.65 -18.12 7.07
N GLY A 76 6.27 -18.72 6.07
CA GLY A 76 5.52 -19.46 5.08
C GLY A 76 6.54 -20.16 4.23
N ASN A 77 6.16 -20.44 3.00
CA ASN A 77 7.05 -21.08 2.05
C ASN A 77 6.74 -20.47 0.71
N GLU A 78 7.42 -20.94 -0.32
CA GLU A 78 7.22 -20.41 -1.65
C GLU A 78 5.80 -20.68 -2.17
N ASP A 79 5.22 -21.82 -1.79
CA ASP A 79 3.88 -22.13 -2.22
C ASP A 79 2.92 -21.29 -1.38
N CYS A 80 2.65 -20.07 -1.84
CA CYS A 80 1.78 -19.17 -1.07
C CYS A 80 0.81 -18.36 -1.88
N LEU A 81 0.81 -18.53 -3.19
CA LEU A 81 -0.09 -17.77 -4.07
C LEU A 81 -1.55 -18.22 -3.98
N TYR A 82 -2.22 -17.81 -2.89
CA TYR A 82 -3.62 -18.17 -2.64
C TYR A 82 -4.47 -16.93 -2.38
N LEU A 83 -5.74 -17.02 -2.74
CA LEU A 83 -6.65 -15.91 -2.53
C LEU A 83 -7.83 -16.43 -1.73
N ASN A 84 -8.56 -15.51 -1.10
CA ASN A 84 -9.72 -15.84 -0.26
C ASN A 84 -10.87 -14.94 -0.69
N ILE A 85 -12.10 -15.44 -0.55
CA ILE A 85 -13.27 -14.70 -0.97
C ILE A 85 -14.37 -14.74 0.08
N TRP A 86 -15.09 -13.63 0.20
CA TRP A 86 -16.20 -13.46 1.13
C TRP A 86 -17.39 -13.00 0.30
N VAL A 87 -18.46 -13.77 0.24
CA VAL A 87 -19.63 -13.41 -0.53
C VAL A 87 -20.89 -13.24 0.35
N PRO A 88 -21.37 -12.00 0.51
CA PRO A 88 -22.57 -11.80 1.33
C PRO A 88 -23.75 -12.43 0.63
N GLN A 89 -24.57 -13.17 1.37
CA GLN A 89 -25.74 -13.82 0.79
C GLN A 89 -27.02 -13.37 1.47
N GLY A 90 -28.11 -13.47 0.72
CA GLY A 90 -29.41 -13.13 1.26
C GLY A 90 -30.02 -14.42 1.77
N ARG A 91 -31.33 -14.53 1.63
CA ARG A 91 -32.03 -15.72 2.08
C ARG A 91 -32.85 -16.22 0.92
N LYS A 92 -33.53 -15.31 0.24
CA LYS A 92 -34.34 -15.66 -0.91
C LYS A 92 -33.52 -16.31 -2.02
N GLU A 93 -32.54 -15.57 -2.55
CA GLU A 93 -31.71 -16.05 -3.65
C GLU A 93 -30.24 -15.69 -3.48
N VAL A 94 -29.41 -16.34 -4.29
CA VAL A 94 -27.96 -16.13 -4.26
C VAL A 94 -27.57 -14.77 -4.86
N SER A 95 -26.52 -14.17 -4.30
CA SER A 95 -26.01 -12.88 -4.77
C SER A 95 -25.30 -13.03 -6.11
N HIS A 96 -25.55 -12.05 -6.99
CA HIS A 96 -24.97 -12.02 -8.33
C HIS A 96 -24.82 -10.55 -8.75
N ASP A 97 -23.83 -10.26 -9.60
CA ASP A 97 -23.56 -8.89 -10.11
C ASP A 97 -23.12 -7.87 -9.06
N LEU A 98 -22.44 -8.36 -8.03
CA LEU A 98 -21.95 -7.54 -6.94
C LEU A 98 -20.60 -6.88 -7.20
N PRO A 99 -20.35 -5.72 -6.57
CA PRO A 99 -19.06 -5.06 -6.77
C PRO A 99 -18.03 -6.00 -6.14
N VAL A 100 -16.78 -5.91 -6.60
CA VAL A 100 -15.72 -6.76 -6.10
C VAL A 100 -14.59 -5.88 -5.62
N MET A 101 -14.14 -6.07 -4.38
CA MET A 101 -13.04 -5.27 -3.84
C MET A 101 -11.86 -6.16 -3.51
N ILE A 102 -10.76 -6.00 -4.24
CA ILE A 102 -9.57 -6.78 -4.00
C ILE A 102 -8.63 -5.99 -3.12
N TRP A 103 -8.29 -6.53 -1.96
CA TRP A 103 -7.41 -5.86 -1.00
C TRP A 103 -5.96 -6.28 -1.18
N ILE A 104 -5.07 -5.29 -1.16
CA ILE A 104 -3.64 -5.51 -1.29
C ILE A 104 -2.97 -5.01 -0.01
N TYR A 105 -2.40 -5.93 0.75
CA TYR A 105 -1.75 -5.57 2.00
C TYR A 105 -0.40 -4.90 1.84
N GLY A 106 -0.05 -4.09 2.86
CA GLY A 106 1.21 -3.36 2.88
C GLY A 106 2.38 -4.13 3.46
N GLY A 107 2.98 -3.59 4.51
CA GLY A 107 4.12 -4.25 5.13
C GLY A 107 5.45 -3.99 4.45
N ALA A 108 5.69 -2.72 4.13
CA ALA A 108 6.92 -2.25 3.48
C ALA A 108 7.58 -3.14 2.40
N PHE A 109 6.76 -3.90 1.68
CA PHE A 109 7.22 -4.80 0.63
C PHE A 109 8.12 -5.92 1.15
N LEU A 110 8.24 -6.05 2.47
CA LEU A 110 9.08 -7.10 3.01
C LEU A 110 8.32 -8.11 3.86
N MET A 111 7.17 -7.70 4.37
CA MET A 111 6.35 -8.59 5.17
C MET A 111 4.91 -8.46 4.70
N GLY A 112 4.11 -9.51 4.93
CA GLY A 112 2.72 -9.46 4.53
C GLY A 112 2.00 -10.78 4.34
N ALA A 113 0.73 -10.79 4.71
CA ALA A 113 -0.10 -11.98 4.57
C ALA A 113 -1.59 -11.65 4.50
N SER A 114 -2.28 -12.28 3.56
CA SER A 114 -3.72 -12.08 3.38
C SER A 114 -4.44 -12.43 4.66
N GLN A 115 -3.92 -13.46 5.32
CA GLN A 115 -4.46 -13.94 6.57
C GLN A 115 -4.21 -12.89 7.63
N GLY A 116 -4.97 -11.80 7.55
CA GLY A 116 -4.88 -10.69 8.47
C GLY A 116 -3.62 -10.57 9.33
N ALA A 117 -2.46 -10.63 8.70
CA ALA A 117 -1.22 -10.55 9.44
C ALA A 117 -0.13 -9.76 8.71
N ASN A 118 0.98 -9.57 9.42
CA ASN A 118 2.12 -8.83 8.92
C ASN A 118 1.78 -7.35 8.76
N PHE A 119 1.79 -6.71 9.91
CA PHE A 119 1.51 -5.28 10.05
C PHE A 119 1.59 -4.96 11.55
N LEU A 120 1.62 -3.67 11.88
CA LEU A 120 1.73 -3.26 13.28
C LEU A 120 0.46 -2.85 14.01
N SER A 121 0.18 -1.55 14.03
CA SER A 121 -0.99 -1.00 14.72
C SER A 121 -2.27 -1.75 14.39
N ASN A 122 -2.39 -2.19 13.14
CA ASN A 122 -3.54 -2.94 12.67
C ASN A 122 -3.01 -3.99 11.71
N TYR A 123 -3.74 -5.09 11.54
CA TYR A 123 -3.27 -6.18 10.67
C TYR A 123 -4.33 -7.14 10.12
N LEU A 124 -5.40 -7.43 10.86
CA LEU A 124 -6.39 -8.38 10.35
C LEU A 124 -7.19 -7.84 9.15
N TYR A 125 -7.31 -8.66 8.11
CA TYR A 125 -8.02 -8.31 6.86
C TYR A 125 -9.19 -9.26 6.56
N ASP A 126 -10.20 -9.26 7.45
CA ASP A 126 -11.38 -10.10 7.30
C ASP A 126 -12.41 -9.26 6.53
N GLY A 127 -12.81 -9.77 5.39
CA GLY A 127 -13.76 -9.03 4.58
C GLY A 127 -15.22 -9.17 4.95
N GLU A 128 -15.52 -9.95 5.99
CA GLU A 128 -16.90 -10.18 6.43
C GLU A 128 -17.65 -8.89 6.73
N GLU A 129 -17.04 -8.02 7.52
CA GLU A 129 -17.65 -6.75 7.91
C GLU A 129 -17.93 -5.88 6.68
N ILE A 130 -16.94 -5.70 5.81
CA ILE A 130 -17.10 -4.88 4.61
C ILE A 130 -18.11 -5.52 3.66
N ALA A 131 -17.91 -6.80 3.38
CA ALA A 131 -18.80 -7.55 2.49
C ALA A 131 -20.24 -7.42 2.91
N THR A 132 -20.48 -7.69 4.19
CA THR A 132 -21.84 -7.65 4.72
C THR A 132 -22.39 -6.25 4.92
N ARG A 133 -21.55 -5.33 5.37
CA ARG A 133 -22.00 -3.97 5.61
C ARG A 133 -22.16 -3.12 4.30
N GLY A 134 -21.50 -3.54 3.22
CA GLY A 134 -21.61 -2.80 1.98
C GLY A 134 -22.23 -3.60 0.85
N ASN A 135 -22.49 -4.88 1.09
CA ASN A 135 -23.07 -5.75 0.09
C ASN A 135 -22.10 -5.75 -1.08
N VAL A 136 -20.90 -6.23 -0.80
CA VAL A 136 -19.81 -6.23 -1.75
C VAL A 136 -18.99 -7.49 -1.55
N ILE A 137 -18.43 -8.04 -2.61
CA ILE A 137 -17.58 -9.23 -2.47
C ILE A 137 -16.18 -8.71 -2.16
N VAL A 138 -15.53 -9.26 -1.13
CA VAL A 138 -14.19 -8.81 -0.75
C VAL A 138 -13.17 -9.93 -0.97
N VAL A 139 -12.05 -9.62 -1.63
CA VAL A 139 -11.02 -10.61 -1.91
C VAL A 139 -9.69 -10.20 -1.30
N THR A 140 -8.90 -11.20 -0.89
CA THR A 140 -7.57 -10.95 -0.34
C THR A 140 -6.70 -12.06 -0.90
N PHE A 141 -5.39 -11.86 -0.97
CA PHE A 141 -4.51 -12.87 -1.52
C PHE A 141 -3.10 -12.60 -1.08
N ASN A 142 -2.20 -13.50 -1.42
CA ASN A 142 -0.79 -13.37 -1.08
C ASN A 142 0.00 -13.03 -2.32
N TYR A 143 1.02 -12.20 -2.13
CA TYR A 143 1.92 -11.78 -3.19
C TYR A 143 3.32 -11.88 -2.60
N ARG A 144 4.28 -12.30 -3.38
CA ARG A 144 5.65 -12.44 -2.89
C ARG A 144 6.22 -11.15 -2.31
N VAL A 145 6.86 -11.29 -1.15
CA VAL A 145 7.47 -10.16 -0.46
C VAL A 145 8.93 -10.48 -0.16
N GLY A 146 9.70 -9.46 0.16
CA GLY A 146 11.10 -9.64 0.46
C GLY A 146 11.96 -9.82 -0.78
N PRO A 147 13.24 -10.21 -0.62
CA PRO A 147 14.15 -10.42 -1.74
C PRO A 147 13.49 -11.33 -2.77
N LEU A 148 12.79 -12.34 -2.26
CA LEU A 148 12.12 -13.30 -3.11
C LEU A 148 11.05 -12.73 -4.04
N GLY A 149 10.53 -11.56 -3.70
CA GLY A 149 9.50 -10.95 -4.52
C GLY A 149 9.96 -9.73 -5.28
N PHE A 150 11.02 -9.08 -4.80
CA PHE A 150 11.49 -7.88 -5.46
C PHE A 150 12.98 -7.76 -5.73
N LEU A 151 13.73 -8.85 -5.60
CA LEU A 151 15.18 -8.82 -5.87
C LEU A 151 15.36 -8.59 -7.37
N SER A 152 16.27 -7.72 -7.75
CA SER A 152 16.49 -7.43 -9.16
C SER A 152 17.90 -6.93 -9.44
N THR A 153 18.44 -7.33 -10.59
CA THR A 153 19.77 -6.93 -11.03
C THR A 153 19.64 -5.66 -11.86
N GLY A 154 18.43 -5.35 -12.29
CA GLY A 154 18.20 -4.16 -13.08
C GLY A 154 18.34 -4.41 -14.56
N ASP A 155 18.46 -5.68 -14.94
CA ASP A 155 18.58 -6.05 -16.35
C ASP A 155 17.92 -7.40 -16.62
N SER A 156 17.90 -7.81 -17.88
CA SER A 156 17.29 -9.06 -18.29
C SER A 156 17.63 -10.25 -17.41
N ASN A 157 18.76 -10.19 -16.72
CA ASN A 157 19.15 -11.28 -15.85
C ASN A 157 18.16 -11.47 -14.71
N LEU A 158 17.77 -10.37 -14.08
CA LEU A 158 16.83 -10.40 -12.97
C LEU A 158 16.09 -9.06 -12.97
N PRO A 159 14.94 -8.99 -13.65
CA PRO A 159 14.11 -7.77 -13.77
C PRO A 159 13.45 -7.34 -12.47
N GLY A 160 13.04 -8.32 -11.68
CA GLY A 160 12.38 -8.02 -10.42
C GLY A 160 10.88 -7.93 -10.61
N ASN A 161 10.22 -7.19 -9.73
CA ASN A 161 8.78 -6.99 -9.76
C ASN A 161 7.91 -8.26 -9.72
N TYR A 162 8.50 -9.38 -9.31
CA TYR A 162 7.78 -10.65 -9.25
C TYR A 162 6.58 -10.52 -8.34
N GLY A 163 6.73 -9.74 -7.28
CA GLY A 163 5.63 -9.52 -6.35
C GLY A 163 4.48 -8.80 -7.05
N LEU A 164 4.80 -7.90 -7.97
CA LEU A 164 3.76 -7.17 -8.70
C LEU A 164 3.09 -8.07 -9.74
N TRP A 165 3.82 -9.05 -10.25
CA TRP A 165 3.25 -9.98 -11.20
C TRP A 165 2.17 -10.82 -10.49
N ASP A 166 2.47 -11.25 -9.27
CA ASP A 166 1.54 -12.04 -8.46
C ASP A 166 0.23 -11.28 -8.22
N GLN A 167 0.35 -10.01 -7.80
CA GLN A 167 -0.82 -9.18 -7.55
C GLN A 167 -1.66 -9.16 -8.83
N HIS A 168 -0.98 -8.99 -9.97
CA HIS A 168 -1.63 -8.98 -11.28
C HIS A 168 -2.34 -10.32 -11.58
N MET A 169 -1.71 -11.44 -11.25
CA MET A 169 -2.30 -12.76 -11.46
C MET A 169 -3.59 -12.91 -10.64
N ALA A 170 -3.60 -12.37 -9.42
CA ALA A 170 -4.77 -12.44 -8.56
C ALA A 170 -5.89 -11.66 -9.24
N ILE A 171 -5.61 -10.41 -9.56
CA ILE A 171 -6.56 -9.53 -10.24
C ILE A 171 -7.11 -10.20 -11.50
N ALA A 172 -6.23 -10.88 -12.22
CA ALA A 172 -6.61 -11.59 -13.44
C ALA A 172 -7.58 -12.74 -13.19
N TRP A 173 -7.27 -13.59 -12.19
CA TRP A 173 -8.11 -14.74 -11.84
C TRP A 173 -9.49 -14.24 -11.42
N VAL A 174 -9.51 -13.17 -10.63
CA VAL A 174 -10.76 -12.57 -10.17
C VAL A 174 -11.58 -12.09 -11.37
N LYS A 175 -10.92 -11.46 -12.33
CA LYS A 175 -11.56 -10.95 -13.55
C LYS A 175 -12.26 -12.10 -14.28
N ARG A 176 -11.59 -13.23 -14.37
CA ARG A 176 -12.10 -14.39 -15.08
C ARG A 176 -13.02 -15.35 -14.33
N ASN A 177 -13.03 -15.32 -13.00
CA ASN A 177 -13.86 -16.27 -12.27
C ASN A 177 -14.85 -15.69 -11.30
N ILE A 178 -14.65 -14.45 -10.91
CA ILE A 178 -15.53 -13.85 -9.94
C ILE A 178 -17.01 -13.93 -10.23
N GLU A 179 -17.40 -14.18 -11.48
CA GLU A 179 -18.83 -14.26 -11.78
C GLU A 179 -19.42 -15.57 -11.28
N ALA A 180 -18.55 -16.57 -11.12
CA ALA A 180 -18.96 -17.86 -10.61
C ALA A 180 -19.56 -17.65 -9.22
N PHE A 181 -18.95 -16.76 -8.44
CA PHE A 181 -19.37 -16.46 -7.07
C PHE A 181 -20.46 -15.39 -6.91
N GLY A 182 -20.79 -14.69 -7.98
CA GLY A 182 -21.80 -13.64 -7.89
C GLY A 182 -21.27 -12.23 -8.07
N GLY A 183 -20.03 -12.12 -8.53
CA GLY A 183 -19.42 -10.82 -8.74
C GLY A 183 -19.59 -10.31 -10.16
N ASP A 184 -19.46 -9.00 -10.29
CA ASP A 184 -19.57 -8.33 -11.56
C ASP A 184 -18.14 -8.05 -12.01
N PRO A 185 -17.63 -8.79 -13.00
CA PRO A 185 -16.26 -8.62 -13.49
C PRO A 185 -15.88 -7.19 -13.92
N ASP A 186 -16.85 -6.42 -14.38
CA ASP A 186 -16.52 -5.07 -14.79
C ASP A 186 -16.61 -4.04 -13.66
N ASN A 187 -16.65 -4.50 -12.42
CA ASN A 187 -16.76 -3.57 -11.28
C ASN A 187 -15.70 -3.87 -10.22
N ILE A 188 -14.55 -4.35 -10.69
CA ILE A 188 -13.44 -4.67 -9.82
C ILE A 188 -12.78 -3.42 -9.34
N THR A 189 -12.65 -3.31 -8.02
CA THR A 189 -12.05 -2.16 -7.36
C THR A 189 -10.87 -2.64 -6.52
N LEU A 190 -9.75 -1.92 -6.57
CA LEU A 190 -8.60 -2.29 -5.76
C LEU A 190 -8.41 -1.25 -4.67
N PHE A 191 -8.01 -1.71 -3.48
CA PHE A 191 -7.72 -0.84 -2.36
C PHE A 191 -6.52 -1.39 -1.60
N GLY A 192 -5.82 -0.52 -0.89
CA GLY A 192 -4.65 -0.98 -0.17
C GLY A 192 -4.06 0.16 0.62
N GLU A 193 -3.16 -0.19 1.54
CA GLU A 193 -2.53 0.81 2.40
C GLU A 193 -1.01 0.65 2.39
N SER A 194 -0.29 1.75 2.58
CA SER A 194 1.18 1.74 2.62
C SER A 194 1.68 1.11 1.30
N ALA A 195 2.57 0.11 1.39
CA ALA A 195 3.07 -0.53 0.21
C ALA A 195 1.92 -1.06 -0.64
N GLY A 196 0.79 -1.33 0.00
CA GLY A 196 -0.37 -1.83 -0.71
C GLY A 196 -1.02 -0.70 -1.46
N GLY A 197 -0.93 0.50 -0.89
CA GLY A 197 -1.49 1.68 -1.53
C GLY A 197 -0.67 1.98 -2.77
N ALA A 198 0.65 1.80 -2.66
CA ALA A 198 1.56 2.01 -3.79
C ALA A 198 1.33 0.92 -4.85
N SER A 199 1.15 -0.32 -4.42
CA SER A 199 0.91 -1.40 -5.38
C SER A 199 -0.36 -1.16 -6.18
N VAL A 200 -1.41 -0.67 -5.54
CA VAL A 200 -2.65 -0.40 -6.27
C VAL A 200 -2.34 0.60 -7.37
N SER A 201 -1.64 1.66 -6.99
CA SER A 201 -1.21 2.71 -7.91
C SER A 201 -0.47 2.03 -9.06
N LEU A 202 0.67 1.43 -8.76
CA LEU A 202 1.45 0.75 -9.78
C LEU A 202 0.64 -0.23 -10.61
N GLN A 203 -0.40 -0.82 -10.03
CA GLN A 203 -1.18 -1.78 -10.82
C GLN A 203 -2.10 -1.09 -11.79
N THR A 204 -2.52 0.14 -11.50
CA THR A 204 -3.39 0.87 -12.41
C THR A 204 -2.59 1.48 -13.57
N LEU A 205 -1.28 1.69 -13.34
CA LEU A 205 -0.39 2.26 -14.34
C LEU A 205 0.16 1.20 -15.29
N SER A 206 0.34 -0.01 -14.79
CA SER A 206 0.86 -1.09 -15.62
C SER A 206 -0.01 -1.37 -16.85
N PRO A 207 0.62 -1.48 -18.03
CA PRO A 207 -0.15 -1.76 -19.24
C PRO A 207 -0.83 -3.14 -19.16
N TYR A 208 -0.29 -4.04 -18.34
CA TYR A 208 -0.85 -5.38 -18.23
C TYR A 208 -2.27 -5.44 -17.68
N ASN A 209 -2.64 -4.45 -16.88
CA ASN A 209 -3.98 -4.41 -16.29
C ASN A 209 -4.89 -3.47 -17.05
N LYS A 210 -4.63 -3.38 -18.37
CA LYS A 210 -5.38 -2.53 -19.27
C LYS A 210 -6.86 -2.38 -18.95
N GLY A 211 -7.62 -3.46 -19.10
CA GLY A 211 -9.03 -3.34 -18.82
C GLY A 211 -9.55 -4.24 -17.72
N LEU A 212 -8.76 -4.46 -16.69
CA LEU A 212 -9.19 -5.32 -15.59
C LEU A 212 -9.76 -4.49 -14.43
N ILE A 213 -9.03 -3.45 -14.05
CA ILE A 213 -9.39 -2.56 -12.95
C ILE A 213 -10.39 -1.47 -13.33
N LYS A 214 -11.48 -1.38 -12.58
CA LYS A 214 -12.51 -0.37 -12.82
C LYS A 214 -12.32 0.85 -11.94
N ARG A 215 -11.99 0.64 -10.66
CA ARG A 215 -11.78 1.75 -9.73
C ARG A 215 -10.61 1.40 -8.82
N ALA A 216 -10.14 2.37 -8.03
CA ALA A 216 -9.01 2.15 -7.16
C ALA A 216 -8.99 3.10 -5.98
N ILE A 217 -8.45 2.61 -4.86
CA ILE A 217 -8.34 3.37 -3.64
C ILE A 217 -6.95 3.14 -3.08
N SER A 218 -6.18 4.20 -2.90
CA SER A 218 -4.84 4.11 -2.32
C SER A 218 -4.81 4.86 -1.00
N GLN A 219 -4.43 4.14 0.07
CA GLN A 219 -4.36 4.70 1.42
C GLN A 219 -2.90 4.74 1.90
N SER A 220 -2.43 5.93 2.28
CA SER A 220 -1.07 6.16 2.77
C SER A 220 -0.01 5.48 1.91
N GLY A 221 -0.11 5.65 0.60
CA GLY A 221 0.84 5.03 -0.29
C GLY A 221 0.45 5.21 -1.74
N VAL A 222 1.40 5.65 -2.56
CA VAL A 222 1.14 5.87 -3.98
C VAL A 222 2.42 5.65 -4.80
N GLY A 223 2.26 5.35 -6.08
CA GLY A 223 3.39 5.07 -6.96
C GLY A 223 4.51 6.09 -7.09
N LEU A 224 4.23 7.36 -6.82
CA LEU A 224 5.23 8.41 -6.91
C LEU A 224 5.96 8.63 -5.57
N CYS A 225 5.66 7.80 -4.56
CA CYS A 225 6.28 7.92 -3.25
C CYS A 225 7.75 7.58 -3.36
N PRO A 226 8.61 8.43 -2.79
CA PRO A 226 10.05 8.21 -2.85
C PRO A 226 10.48 6.79 -2.52
N TRP A 227 9.67 6.08 -1.75
CA TRP A 227 10.02 4.72 -1.33
C TRP A 227 9.46 3.59 -2.18
N ALA A 228 8.60 3.89 -3.14
CA ALA A 228 8.01 2.84 -3.95
C ALA A 228 8.83 2.27 -5.09
N ILE A 229 9.82 3.02 -5.55
CA ILE A 229 10.66 2.62 -6.68
C ILE A 229 12.16 2.56 -6.35
N GLN A 230 12.79 1.41 -6.57
CA GLN A 230 14.22 1.31 -6.32
C GLN A 230 14.97 1.86 -7.52
N GLN A 231 15.63 3.00 -7.32
CA GLN A 231 16.38 3.69 -8.36
C GLN A 231 17.59 2.88 -8.83
N ASP A 232 18.34 2.33 -7.87
CA ASP A 232 19.53 1.53 -8.15
C ASP A 232 19.37 0.11 -7.62
N PRO A 233 18.73 -0.77 -8.39
CA PRO A 233 18.53 -2.16 -7.98
C PRO A 233 19.84 -2.89 -7.69
N LEU A 234 20.70 -3.01 -8.70
CA LEU A 234 21.97 -3.73 -8.56
C LEU A 234 22.71 -3.45 -7.25
N PHE A 235 22.62 -2.21 -6.78
CA PHE A 235 23.27 -1.80 -5.53
C PHE A 235 23.07 -2.86 -4.46
N TRP A 236 21.82 -3.15 -4.15
CA TRP A 236 21.52 -4.14 -3.13
C TRP A 236 21.55 -5.55 -3.66
N ALA A 237 21.48 -5.69 -4.98
CA ALA A 237 21.52 -7.00 -5.59
C ALA A 237 22.89 -7.61 -5.34
N LYS A 238 23.93 -6.77 -5.40
CA LYS A 238 25.30 -7.24 -5.16
C LYS A 238 25.46 -7.55 -3.68
N ARG A 239 25.12 -6.58 -2.84
CA ARG A 239 25.23 -6.73 -1.39
C ARG A 239 24.58 -8.01 -0.87
N ILE A 240 23.45 -8.41 -1.46
CA ILE A 240 22.79 -9.63 -1.05
C ILE A 240 23.64 -10.82 -1.49
N ALA A 241 24.17 -10.73 -2.71
CA ALA A 241 25.02 -11.77 -3.26
C ALA A 241 26.35 -11.77 -2.52
N GLU A 242 26.56 -10.75 -1.70
CA GLU A 242 27.78 -10.64 -0.89
C GLU A 242 27.60 -11.53 0.33
N LYS A 243 26.49 -11.36 1.05
CA LYS A 243 26.20 -12.16 2.24
C LYS A 243 26.06 -13.64 1.88
N VAL A 244 25.30 -13.92 0.85
CA VAL A 244 25.16 -15.30 0.40
C VAL A 244 26.22 -15.43 -0.69
N GLY A 245 27.06 -16.45 -0.57
CA GLY A 245 28.13 -16.63 -1.54
C GLY A 245 27.77 -16.69 -3.02
N CYS A 246 27.77 -15.54 -3.68
CA CYS A 246 27.45 -15.46 -5.10
C CYS A 246 28.37 -14.46 -5.83
N PRO A 247 28.72 -14.75 -7.09
CA PRO A 247 29.58 -13.91 -7.94
C PRO A 247 29.06 -12.47 -8.07
N VAL A 248 29.37 -11.64 -7.08
CA VAL A 248 28.93 -10.25 -7.04
C VAL A 248 29.01 -9.39 -8.31
N ASP A 249 30.22 -9.08 -8.75
CA ASP A 249 30.38 -8.20 -9.89
C ASP A 249 30.29 -8.83 -11.28
N ASP A 250 29.37 -9.79 -11.43
CA ASP A 250 29.19 -10.51 -12.70
C ASP A 250 27.70 -10.87 -12.88
N THR A 251 26.86 -9.84 -13.00
CA THR A 251 25.40 -9.99 -13.14
C THR A 251 24.81 -11.33 -13.59
N SER A 252 25.29 -11.88 -14.70
CA SER A 252 24.81 -13.16 -15.24
C SER A 252 24.97 -14.31 -14.26
N LYS A 253 26.19 -14.50 -13.79
CA LYS A 253 26.52 -15.58 -12.84
C LYS A 253 25.82 -15.29 -11.53
N MET A 254 25.80 -14.02 -11.16
CA MET A 254 25.15 -13.57 -9.94
C MET A 254 23.68 -13.94 -9.98
N ALA A 255 23.02 -13.63 -11.09
CA ALA A 255 21.62 -13.94 -11.27
C ALA A 255 21.39 -15.44 -11.23
N GLY A 256 22.23 -16.20 -11.94
CA GLY A 256 22.09 -17.64 -11.96
C GLY A 256 22.22 -18.23 -10.56
N CYS A 257 23.19 -17.72 -9.81
CA CYS A 257 23.46 -18.16 -8.44
C CYS A 257 22.23 -17.95 -7.55
N LEU A 258 21.82 -16.68 -7.41
CA LEU A 258 20.66 -16.28 -6.64
C LEU A 258 19.45 -17.16 -6.95
N LYS A 259 19.12 -17.26 -8.22
CA LYS A 259 17.98 -18.05 -8.65
C LYS A 259 18.03 -19.49 -8.16
N ILE A 260 19.21 -19.95 -7.79
CA ILE A 260 19.33 -21.32 -7.31
C ILE A 260 19.65 -21.36 -5.81
N THR A 261 20.01 -20.22 -5.24
CA THR A 261 20.31 -20.13 -3.81
C THR A 261 19.07 -20.43 -2.97
N ASP A 262 19.26 -20.89 -1.74
CA ASP A 262 18.15 -21.23 -0.86
C ASP A 262 17.28 -20.04 -0.50
N PRO A 263 15.96 -20.16 -0.72
CA PRO A 263 14.99 -19.11 -0.43
C PRO A 263 15.20 -18.50 0.95
N ARG A 264 15.27 -19.34 1.97
CA ARG A 264 15.46 -18.87 3.34
C ARG A 264 16.78 -18.12 3.56
N ALA A 265 17.80 -18.45 2.78
CA ALA A 265 19.07 -17.78 2.90
C ALA A 265 18.86 -16.39 2.32
N LEU A 266 18.27 -16.36 1.11
CA LEU A 266 17.97 -15.13 0.38
C LEU A 266 17.08 -14.19 1.21
N THR A 267 16.11 -14.79 1.87
CA THR A 267 15.19 -14.03 2.69
C THR A 267 15.95 -13.36 3.81
N LEU A 268 16.60 -14.18 4.63
CA LEU A 268 17.33 -13.67 5.78
C LEU A 268 18.50 -12.73 5.53
N ALA A 269 19.21 -12.92 4.42
CA ALA A 269 20.34 -12.04 4.14
C ALA A 269 19.93 -10.57 4.23
N TYR A 270 18.63 -10.32 4.06
CA TYR A 270 18.09 -8.96 4.15
C TYR A 270 17.57 -8.69 5.55
N LYS A 271 18.43 -8.13 6.38
CA LYS A 271 18.04 -7.78 7.73
C LYS A 271 17.91 -6.26 7.77
N LEU A 272 16.73 -5.76 8.16
CA LEU A 272 16.54 -4.31 8.23
C LEU A 272 17.48 -3.83 9.33
N PRO A 273 18.40 -2.91 8.99
CA PRO A 273 19.39 -2.34 9.92
C PRO A 273 18.79 -1.39 10.94
N LEU A 274 17.65 -1.76 11.52
CA LEU A 274 17.01 -0.94 12.54
C LEU A 274 17.82 -1.15 13.82
N GLY A 275 18.98 -0.50 13.88
CA GLY A 275 19.87 -0.62 15.02
C GLY A 275 20.23 0.70 15.64
N SER A 276 21.36 0.72 16.36
CA SER A 276 21.84 1.91 17.07
C SER A 276 22.79 2.82 16.28
N THR A 277 22.37 3.29 15.11
CA THR A 277 23.21 4.17 14.31
C THR A 277 22.38 5.19 13.54
N GLU A 278 22.88 6.42 13.50
CA GLU A 278 22.18 7.51 12.83
C GLU A 278 22.62 7.88 11.40
N TYR A 279 23.39 7.04 10.73
CA TYR A 279 23.78 7.39 9.36
C TYR A 279 22.49 7.39 8.54
N PRO A 280 22.41 8.21 7.45
CA PRO A 280 21.19 8.24 6.64
C PRO A 280 20.70 6.83 6.34
N LYS A 281 19.65 6.47 7.06
CA LYS A 281 19.05 5.14 6.94
C LYS A 281 17.63 5.17 7.49
N LEU A 282 17.25 4.06 8.13
CA LEU A 282 15.93 3.88 8.74
C LEU A 282 14.79 4.22 7.80
N HIS A 283 15.05 4.05 6.51
CA HIS A 283 14.11 4.24 5.43
C HIS A 283 14.79 3.87 4.15
N TYR A 284 15.67 2.89 4.29
CA TYR A 284 16.42 2.32 3.20
C TYR A 284 15.88 0.90 3.04
N LEU A 285 14.64 0.85 2.54
CA LEU A 285 13.94 -0.40 2.27
C LEU A 285 14.30 -0.69 0.82
N SER A 286 15.43 -1.35 0.66
CA SER A 286 15.98 -1.68 -0.64
C SER A 286 15.09 -2.51 -1.58
N PHE A 287 14.36 -3.48 -1.02
CA PHE A 287 13.51 -4.31 -1.87
C PHE A 287 12.10 -3.80 -1.95
N VAL A 288 11.89 -3.07 -3.05
CA VAL A 288 10.67 -2.39 -3.42
C VAL A 288 10.59 -2.57 -4.96
N PRO A 289 9.44 -2.23 -5.61
CA PRO A 289 9.39 -2.40 -7.06
C PRO A 289 10.42 -1.58 -7.80
N VAL A 290 10.59 -1.87 -9.09
CA VAL A 290 11.55 -1.16 -9.95
C VAL A 290 10.94 -0.89 -11.31
N ILE A 291 11.60 -0.06 -12.10
CA ILE A 291 11.12 0.21 -13.44
C ILE A 291 11.84 -0.85 -14.25
N ASP A 292 11.10 -1.84 -14.71
CA ASP A 292 11.71 -2.88 -15.51
C ASP A 292 11.36 -2.60 -16.97
N GLY A 293 11.37 -3.62 -17.80
CA GLY A 293 11.03 -3.37 -19.18
C GLY A 293 9.54 -3.32 -19.48
N ASP A 294 8.77 -4.16 -18.81
CA ASP A 294 7.34 -4.24 -19.10
C ASP A 294 6.26 -3.93 -18.08
N PHE A 295 6.33 -4.52 -16.89
CA PHE A 295 5.27 -4.26 -15.90
C PHE A 295 5.21 -2.78 -15.56
N ILE A 296 6.37 -2.20 -15.25
CA ILE A 296 6.50 -0.77 -14.98
C ILE A 296 7.56 -0.40 -16.02
N PRO A 297 7.11 -0.14 -17.25
CA PRO A 297 7.97 0.21 -18.40
C PRO A 297 8.56 1.62 -18.49
N ASP A 298 8.36 2.45 -17.47
CA ASP A 298 8.87 3.81 -17.50
C ASP A 298 8.56 4.39 -16.12
N ASP A 299 9.02 5.60 -15.85
CA ASP A 299 8.75 6.23 -14.57
C ASP A 299 7.23 6.34 -14.45
N PRO A 300 6.68 5.93 -13.30
CA PRO A 300 5.25 5.95 -13.00
C PRO A 300 4.57 7.26 -13.36
N VAL A 301 5.30 8.36 -13.24
CA VAL A 301 4.76 9.67 -13.54
C VAL A 301 4.32 9.82 -15.00
N ASN A 302 4.90 9.03 -15.90
CA ASN A 302 4.53 9.11 -17.32
C ASN A 302 3.50 8.06 -17.73
N LEU A 303 3.13 7.17 -16.81
CA LEU A 303 2.18 6.08 -17.08
C LEU A 303 0.72 6.43 -16.79
N TYR A 304 0.50 7.65 -16.31
CA TYR A 304 -0.84 8.12 -15.96
C TYR A 304 -1.90 7.79 -16.98
N ALA A 305 -1.52 7.81 -18.24
CA ALA A 305 -2.43 7.51 -19.33
C ALA A 305 -3.24 6.25 -19.08
N ASN A 306 -2.63 5.27 -18.44
CA ASN A 306 -3.29 4.02 -18.17
C ASN A 306 -4.43 4.10 -17.14
N ALA A 307 -4.37 5.08 -16.26
CA ALA A 307 -5.40 5.22 -15.23
C ALA A 307 -6.45 6.31 -15.50
N ALA A 308 -6.57 6.72 -16.76
CA ALA A 308 -7.51 7.79 -17.14
C ALA A 308 -8.98 7.42 -17.04
N ASP A 309 -9.27 6.14 -17.18
CA ASP A 309 -10.64 5.67 -17.09
C ASP A 309 -10.84 4.81 -15.84
N VAL A 310 -10.06 5.14 -14.82
CA VAL A 310 -10.10 4.43 -13.56
C VAL A 310 -10.44 5.43 -12.46
N ASP A 311 -11.60 5.23 -11.83
CA ASP A 311 -12.06 6.10 -10.74
C ASP A 311 -11.05 5.91 -9.62
N TYR A 312 -10.57 7.00 -9.05
CA TYR A 312 -9.52 6.93 -8.06
C TYR A 312 -9.72 7.76 -6.80
N ILE A 313 -9.42 7.13 -5.66
CA ILE A 313 -9.48 7.79 -4.36
C ILE A 313 -8.06 7.62 -3.83
N ALA A 314 -7.53 8.66 -3.21
CA ALA A 314 -6.19 8.62 -2.64
C ALA A 314 -6.24 9.53 -1.45
N GLY A 315 -5.71 9.07 -0.32
CA GLY A 315 -5.76 9.87 0.89
C GLY A 315 -4.56 9.72 1.80
N THR A 316 -4.60 10.42 2.93
CA THR A 316 -3.50 10.42 3.87
C THR A 316 -3.98 10.71 5.31
N ASN A 317 -3.25 10.20 6.29
CA ASN A 317 -3.56 10.45 7.71
C ASN A 317 -2.70 11.63 8.09
N ASP A 318 -3.26 12.58 8.80
CA ASP A 318 -2.52 13.78 9.18
C ASP A 318 -1.11 13.65 9.77
N MET A 319 -0.76 12.48 10.32
CA MET A 319 0.59 12.32 10.88
C MET A 319 1.23 11.01 10.46
N ASP A 320 1.01 10.62 9.21
CA ASP A 320 1.56 9.39 8.63
C ASP A 320 3.07 9.21 8.89
N GLY A 321 3.78 10.34 8.97
CA GLY A 321 5.21 10.30 9.18
C GLY A 321 5.65 10.01 10.59
N HIS A 322 4.77 10.26 11.56
CA HIS A 322 5.08 10.04 12.97
C HIS A 322 5.76 8.71 13.25
N LEU A 323 5.18 7.63 12.75
CA LEU A 323 5.74 6.31 12.97
C LEU A 323 7.21 6.20 12.56
N PHE A 324 7.56 6.79 11.42
CA PHE A 324 8.93 6.70 10.89
C PHE A 324 9.93 7.68 11.46
N VAL A 325 9.54 8.94 11.61
CA VAL A 325 10.45 9.92 12.15
C VAL A 325 10.88 9.48 13.53
N GLY A 326 9.97 8.84 14.26
CA GLY A 326 10.27 8.37 15.60
C GLY A 326 11.48 7.44 15.59
N MET A 327 11.63 6.66 14.53
CA MET A 327 12.73 5.74 14.42
C MET A 327 14.03 6.48 14.21
N ASP A 328 13.92 7.69 13.69
CA ASP A 328 15.09 8.53 13.45
C ASP A 328 15.35 9.38 14.69
N VAL A 329 14.42 10.26 15.03
CA VAL A 329 14.56 11.11 16.20
C VAL A 329 13.55 10.58 17.21
N PRO A 330 14.00 9.71 18.12
CA PRO A 330 13.20 9.08 19.17
C PRO A 330 12.63 10.01 20.23
N ALA A 331 12.11 11.16 19.83
CA ALA A 331 11.51 12.09 20.77
C ALA A 331 10.01 12.24 20.41
N ILE A 332 9.21 11.32 20.95
CA ILE A 332 7.77 11.35 20.72
C ILE A 332 7.20 12.25 21.80
N ASN A 333 7.14 11.72 23.02
CA ASN A 333 6.65 12.51 24.15
C ASN A 333 7.72 12.61 25.23
N SER A 334 8.96 12.35 24.84
CA SER A 334 10.08 12.41 25.78
C SER A 334 10.28 13.84 26.25
N ASN A 335 9.43 14.27 27.18
CA ASN A 335 9.45 15.60 27.77
C ASN A 335 10.84 15.99 28.26
N LYS A 336 11.58 15.00 28.75
CA LYS A 336 12.92 15.22 29.27
C LYS A 336 13.99 15.10 28.18
N GLN A 337 13.56 15.15 26.93
CA GLN A 337 14.45 15.08 25.76
C GLN A 337 13.97 16.20 24.84
N ASP A 338 14.90 17.06 24.44
CA ASP A 338 14.57 18.20 23.59
C ASP A 338 15.21 18.15 22.22
N VAL A 339 14.48 18.66 21.24
CA VAL A 339 14.94 18.71 19.87
C VAL A 339 15.52 20.08 19.61
N THR A 340 16.81 20.12 19.32
CA THR A 340 17.51 21.36 19.03
C THR A 340 17.37 21.72 17.56
N GLU A 341 17.67 22.97 17.23
CA GLU A 341 17.59 23.43 15.84
C GLU A 341 18.51 22.58 14.97
N GLU A 342 19.72 22.36 15.44
CA GLU A 342 20.68 21.56 14.69
C GLU A 342 20.16 20.14 14.54
N ASP A 343 19.38 19.69 15.52
CA ASP A 343 18.79 18.35 15.48
C ASP A 343 17.88 18.33 14.27
N PHE A 344 17.12 19.40 14.10
CA PHE A 344 16.24 19.51 12.96
C PHE A 344 17.06 19.61 11.67
N TYR A 345 18.12 20.42 11.65
CA TYR A 345 18.93 20.53 10.46
C TYR A 345 19.50 19.16 10.09
N LYS A 346 20.00 18.44 11.08
CA LYS A 346 20.56 17.11 10.90
C LYS A 346 19.58 16.15 10.22
N LEU A 347 18.31 16.19 10.64
CA LEU A 347 17.28 15.33 10.04
C LEU A 347 17.03 15.77 8.59
N VAL A 348 16.99 17.09 8.38
CA VAL A 348 16.76 17.69 7.07
C VAL A 348 17.83 17.25 6.08
N SER A 349 19.09 17.41 6.49
CA SER A 349 20.24 17.03 5.67
C SER A 349 20.05 15.61 5.17
N GLY A 350 19.87 14.68 6.11
CA GLY A 350 19.71 13.27 5.80
C GLY A 350 18.58 13.01 4.84
N LEU A 351 17.52 13.80 4.96
CA LEU A 351 16.37 13.65 4.09
C LEU A 351 16.57 14.27 2.71
N THR A 352 17.50 15.22 2.58
CA THR A 352 17.76 15.92 1.32
C THR A 352 19.20 15.77 0.83
N VAL A 353 19.74 14.56 0.90
CA VAL A 353 21.12 14.31 0.49
C VAL A 353 21.40 14.56 -0.99
N THR A 354 20.50 14.13 -1.87
CA THR A 354 20.68 14.30 -3.30
C THR A 354 20.70 15.77 -3.77
N LYS A 355 20.53 16.72 -2.88
CA LYS A 355 20.55 18.13 -3.26
C LYS A 355 21.57 18.90 -2.45
N GLY A 356 22.40 18.19 -1.72
CA GLY A 356 23.43 18.85 -0.92
C GLY A 356 22.92 19.77 0.16
N LEU A 357 23.82 20.47 0.83
CA LEU A 357 23.41 21.38 1.90
C LEU A 357 22.61 22.58 1.37
N ARG A 358 22.56 22.74 0.05
CA ARG A 358 21.80 23.82 -0.57
C ARG A 358 20.35 23.42 -0.39
N GLY A 359 20.05 22.17 -0.71
CA GLY A 359 18.70 21.65 -0.55
C GLY A 359 18.40 21.63 0.93
N ALA A 360 19.32 21.08 1.73
CA ALA A 360 19.15 21.03 3.18
C ALA A 360 18.89 22.43 3.73
N ASN A 361 19.62 23.42 3.22
CA ASN A 361 19.46 24.79 3.67
C ASN A 361 18.16 25.45 3.26
N ALA A 362 17.69 25.15 2.06
CA ALA A 362 16.43 25.72 1.59
C ALA A 362 15.27 25.12 2.39
N THR A 363 15.30 23.80 2.55
CA THR A 363 14.28 23.06 3.27
C THR A 363 14.19 23.52 4.72
N TYR A 364 15.31 23.50 5.42
CA TYR A 364 15.30 23.93 6.82
C TYR A 364 14.66 25.31 6.89
N GLU A 365 15.05 26.17 5.96
CA GLU A 365 14.55 27.52 5.88
C GLU A 365 13.01 27.59 5.71
N VAL A 366 12.47 26.86 4.75
CA VAL A 366 11.02 26.89 4.53
C VAL A 366 10.24 26.27 5.70
N TYR A 367 10.80 25.21 6.27
CA TYR A 367 10.16 24.50 7.37
C TYR A 367 10.27 25.15 8.73
N THR A 368 11.17 26.08 8.92
CA THR A 368 11.33 26.74 10.23
C THR A 368 10.71 28.14 10.35
N GLU A 369 9.89 28.55 9.39
CA GLU A 369 9.28 29.87 9.40
C GLU A 369 8.50 30.31 10.65
N PRO A 370 7.70 29.40 11.24
CA PRO A 370 6.90 29.70 12.45
C PRO A 370 7.62 30.07 13.74
N TRP A 371 6.99 30.98 14.50
CA TRP A 371 7.54 31.46 15.78
C TRP A 371 6.91 30.83 17.02
N ALA A 372 7.01 29.52 17.16
CA ALA A 372 6.51 28.86 18.36
C ALA A 372 7.76 28.63 19.23
N GLN A 373 8.92 28.70 18.58
CA GLN A 373 10.24 28.61 19.20
C GLN A 373 10.55 27.45 20.15
N ASP A 374 11.78 27.49 20.67
CA ASP A 374 12.32 26.54 21.63
C ASP A 374 11.29 26.25 22.70
N SER A 375 10.79 27.32 23.31
CA SER A 375 9.77 27.25 24.35
C SER A 375 8.71 26.22 23.97
N SER A 376 8.34 26.23 22.68
CA SER A 376 7.38 25.29 22.14
C SER A 376 8.13 24.16 21.46
N GLN A 377 8.75 23.33 22.28
CA GLN A 377 9.47 22.16 21.81
C GLN A 377 8.42 21.26 21.14
N GLU A 378 7.16 21.51 21.45
CA GLU A 378 6.06 20.76 20.87
C GLU A 378 6.02 21.08 19.38
N THR A 379 5.99 22.37 19.06
CA THR A 379 5.97 22.80 17.68
C THR A 379 7.12 22.18 16.91
N ARG A 380 8.32 22.22 17.49
CA ARG A 380 9.48 21.65 16.83
C ARG A 380 9.17 20.21 16.47
N LYS A 381 8.83 19.42 17.50
CA LYS A 381 8.51 18.02 17.33
C LYS A 381 7.33 17.88 16.36
N LYS A 382 6.47 18.89 16.36
CA LYS A 382 5.32 18.87 15.48
C LYS A 382 5.78 18.93 14.03
N THR A 383 6.67 19.88 13.71
CA THR A 383 7.19 20.06 12.35
C THR A 383 8.02 18.90 11.84
N MET A 384 8.75 18.23 12.75
CA MET A 384 9.54 17.07 12.35
C MET A 384 8.59 15.99 11.82
N VAL A 385 7.37 15.94 12.33
CA VAL A 385 6.40 14.96 11.87
C VAL A 385 5.83 15.45 10.53
N ASP A 386 5.59 16.75 10.41
CA ASP A 386 5.06 17.33 9.17
C ASP A 386 6.02 17.04 8.05
N LEU A 387 7.31 17.26 8.31
CA LEU A 387 8.36 17.03 7.32
C LEU A 387 8.31 15.65 6.68
N GLU A 388 8.36 14.59 7.48
CA GLU A 388 8.32 13.22 6.95
C GLU A 388 6.98 12.80 6.37
N THR A 389 5.90 13.45 6.82
CA THR A 389 4.55 13.16 6.32
C THR A 389 4.45 13.72 4.90
N ASP A 390 4.98 14.94 4.75
CA ASP A 390 5.00 15.65 3.47
C ASP A 390 5.82 14.87 2.46
N ILE A 391 7.08 14.61 2.82
CA ILE A 391 8.02 13.90 1.98
C ILE A 391 7.59 12.47 1.61
N LEU A 392 7.21 11.68 2.59
CA LEU A 392 6.83 10.28 2.35
C LEU A 392 5.40 9.97 1.88
N PHE A 393 4.43 10.79 2.30
CA PHE A 393 3.04 10.49 1.93
C PHE A 393 2.23 11.58 1.24
N LEU A 394 2.14 12.75 1.88
CA LEU A 394 1.34 13.87 1.35
C LEU A 394 1.69 14.41 -0.03
N ILE A 395 2.90 14.94 -0.20
CA ILE A 395 3.29 15.48 -1.49
C ILE A 395 3.07 14.46 -2.61
N PRO A 396 3.65 13.25 -2.51
CA PRO A 396 3.47 12.22 -3.54
C PRO A 396 2.00 12.02 -3.81
N THR A 397 1.22 12.01 -2.74
CA THR A 397 -0.20 11.81 -2.90
C THR A 397 -0.89 12.98 -3.60
N LYS A 398 -0.55 14.22 -3.25
CA LYS A 398 -1.19 15.38 -3.89
C LYS A 398 -0.93 15.38 -5.41
N ILE A 399 0.33 15.14 -5.78
CA ILE A 399 0.76 15.09 -7.17
C ILE A 399 0.01 14.00 -7.94
N ALA A 400 -0.20 12.86 -7.30
CA ALA A 400 -0.92 11.75 -7.93
C ALA A 400 -2.42 12.06 -8.19
N VAL A 401 -3.09 12.73 -7.25
CA VAL A 401 -4.52 13.02 -7.48
C VAL A 401 -4.67 14.09 -8.54
N ALA A 402 -3.85 15.13 -8.44
CA ALA A 402 -3.84 16.23 -9.41
C ALA A 402 -3.56 15.61 -10.78
N GLN A 403 -2.42 14.92 -10.90
CA GLN A 403 -2.06 14.27 -12.13
C GLN A 403 -3.22 13.46 -12.68
N HIS A 404 -3.84 12.64 -11.84
CA HIS A 404 -4.99 11.80 -12.25
C HIS A 404 -6.18 12.64 -12.65
N LYS A 405 -6.45 13.69 -11.90
CA LYS A 405 -7.59 14.55 -12.18
C LYS A 405 -7.45 15.21 -13.55
N SER A 406 -6.25 15.73 -13.83
CA SER A 406 -5.99 16.42 -15.08
C SER A 406 -6.04 15.55 -16.33
N HIS A 407 -5.54 14.33 -16.23
CA HIS A 407 -5.52 13.43 -17.38
C HIS A 407 -6.68 12.45 -17.38
N ALA A 408 -7.72 12.76 -16.64
CA ALA A 408 -8.86 11.87 -16.56
C ALA A 408 -9.81 12.06 -17.71
N LYS A 409 -10.35 10.95 -18.19
CA LYS A 409 -11.30 10.97 -19.28
C LYS A 409 -12.70 10.82 -18.70
N SER A 410 -13.04 9.62 -18.26
CA SER A 410 -14.35 9.35 -17.68
C SER A 410 -14.27 9.08 -16.20
N ALA A 411 -13.05 8.91 -15.71
CA ALA A 411 -12.83 8.60 -14.32
C ALA A 411 -13.13 9.76 -13.40
N ASN A 412 -13.49 9.44 -12.15
CA ASN A 412 -13.76 10.44 -11.12
C ASN A 412 -12.50 10.47 -10.24
N THR A 413 -12.33 11.53 -9.48
CA THR A 413 -11.16 11.65 -8.62
C THR A 413 -11.60 12.24 -7.30
N TYR A 414 -11.22 11.59 -6.20
CA TYR A 414 -11.56 12.04 -4.84
C TYR A 414 -10.34 11.80 -3.96
N THR A 415 -10.07 12.72 -3.04
CA THR A 415 -8.93 12.57 -2.15
C THR A 415 -9.46 12.80 -0.73
N TYR A 416 -8.72 12.38 0.29
CA TYR A 416 -9.18 12.54 1.66
C TYR A 416 -8.02 12.71 2.62
N LEU A 417 -8.35 13.13 3.84
CA LEU A 417 -7.37 13.30 4.91
C LEU A 417 -8.01 12.74 6.17
N PHE A 418 -7.53 11.57 6.60
CA PHE A 418 -8.02 10.90 7.80
C PHE A 418 -7.29 11.49 8.99
N SER A 419 -8.04 12.04 9.94
CA SER A 419 -7.44 12.64 11.13
C SER A 419 -7.99 12.22 12.51
N GLN A 420 -8.54 11.01 12.62
CA GLN A 420 -9.04 10.53 13.90
C GLN A 420 -7.83 10.30 14.82
N PRO A 421 -7.69 11.11 15.89
CA PRO A 421 -6.56 11.00 16.82
C PRO A 421 -6.27 9.64 17.36
N SER A 422 -4.98 9.30 17.34
CA SER A 422 -4.48 8.03 17.83
C SER A 422 -4.52 8.12 19.35
N ARG A 423 -5.21 7.20 20.00
CA ARG A 423 -5.26 7.24 21.45
C ARG A 423 -4.21 6.34 22.11
N MET A 424 -3.15 6.07 21.38
CA MET A 424 -2.04 5.24 21.88
C MET A 424 -1.46 5.97 23.09
N PRO A 425 -1.43 5.30 24.25
CA PRO A 425 -0.92 5.86 25.51
C PRO A 425 0.54 6.31 25.49
N ILE A 426 1.33 5.79 24.56
CA ILE A 426 2.74 6.12 24.48
C ILE A 426 3.11 7.28 23.55
N TYR A 427 2.12 8.01 23.06
CA TYR A 427 2.35 9.15 22.16
C TYR A 427 1.91 10.43 22.86
N PRO A 428 2.48 11.58 22.45
CA PRO A 428 2.13 12.87 23.05
C PRO A 428 0.70 13.30 22.75
N LYS A 429 0.13 14.08 23.67
CA LYS A 429 -1.24 14.58 23.58
C LYS A 429 -1.64 15.25 22.25
N TRP A 430 -0.66 15.71 21.48
CA TRP A 430 -0.95 16.37 20.21
C TRP A 430 -1.12 15.43 19.02
N MET A 431 -0.84 14.16 19.24
CA MET A 431 -0.96 13.15 18.19
C MET A 431 -2.25 13.14 17.36
N GLY A 432 -2.09 12.98 16.07
CA GLY A 432 -3.22 12.87 15.16
C GLY A 432 -3.17 11.42 14.72
N ALA A 433 -3.64 11.13 13.52
CA ALA A 433 -3.61 9.77 13.00
C ALA A 433 -2.20 9.43 12.57
N ASP A 434 -1.74 8.25 12.97
CA ASP A 434 -0.41 7.78 12.61
C ASP A 434 -0.59 6.83 11.41
N HIS A 435 0.52 6.34 10.88
CA HIS A 435 0.46 5.44 9.74
C HIS A 435 -0.27 4.17 10.13
N ALA A 436 -1.20 3.72 9.29
CA ALA A 436 -1.95 2.49 9.55
C ALA A 436 -3.14 2.56 10.52
N ASP A 437 -3.33 3.68 11.20
CA ASP A 437 -4.46 3.81 12.11
C ASP A 437 -5.80 3.68 11.40
N ASP A 438 -5.80 3.87 10.09
CA ASP A 438 -7.02 3.80 9.30
C ASP A 438 -7.55 2.37 9.15
N LEU A 439 -6.64 1.42 9.04
CA LEU A 439 -7.00 0.02 8.84
C LEU A 439 -8.16 -0.54 9.67
N GLN A 440 -8.09 -0.36 10.99
CA GLN A 440 -9.13 -0.83 11.91
C GLN A 440 -10.51 -0.29 11.55
N TYR A 441 -10.56 0.94 11.07
CA TYR A 441 -11.82 1.55 10.70
C TYR A 441 -12.33 1.05 9.36
N VAL A 442 -11.44 0.93 8.38
CA VAL A 442 -11.83 0.47 7.05
C VAL A 442 -12.32 -0.98 7.07
N PHE A 443 -11.64 -1.82 7.84
CA PHE A 443 -12.04 -3.22 7.94
C PHE A 443 -13.13 -3.54 8.95
N GLY A 444 -13.62 -2.49 9.60
CA GLY A 444 -14.71 -2.63 10.55
C GLY A 444 -14.44 -3.31 11.87
N LYS A 445 -13.27 -3.08 12.46
CA LYS A 445 -12.95 -3.67 13.75
C LYS A 445 -13.92 -3.22 14.86
N PRO A 446 -14.21 -1.92 14.98
CA PRO A 446 -15.13 -1.48 16.03
C PRO A 446 -16.44 -2.28 16.08
N PHE A 447 -16.79 -2.95 14.98
CA PHE A 447 -17.99 -3.76 14.92
C PHE A 447 -17.63 -5.22 15.17
N ALA A 448 -16.64 -5.72 14.45
CA ALA A 448 -16.21 -7.11 14.59
C ALA A 448 -15.83 -7.45 16.01
N THR A 449 -15.00 -6.60 16.61
CA THR A 449 -14.54 -6.79 17.98
C THR A 449 -14.72 -5.46 18.73
N PRO A 450 -15.98 -5.05 18.96
CA PRO A 450 -16.34 -3.80 19.65
C PRO A 450 -15.73 -3.62 21.03
N LEU A 451 -15.35 -4.71 21.66
CA LEU A 451 -14.75 -4.68 22.98
C LEU A 451 -13.50 -3.82 22.93
N GLY A 452 -13.55 -2.68 23.61
CA GLY A 452 -12.40 -1.79 23.61
C GLY A 452 -12.54 -0.66 22.60
N TYR A 453 -13.73 -0.51 22.04
CA TYR A 453 -14.01 0.53 21.06
C TYR A 453 -15.12 1.47 21.52
N ARG A 454 -14.81 2.76 21.49
CA ARG A 454 -15.77 3.78 21.86
C ARG A 454 -16.77 3.83 20.72
N ALA A 455 -17.87 4.54 20.91
CA ALA A 455 -18.85 4.65 19.87
C ALA A 455 -18.30 5.45 18.70
N GLN A 456 -17.49 6.48 19.00
CA GLN A 456 -16.90 7.32 17.95
C GLN A 456 -16.19 6.43 16.94
N ASP A 457 -15.52 5.39 17.45
CA ASP A 457 -14.81 4.45 16.58
C ASP A 457 -15.76 3.75 15.65
N ARG A 458 -16.98 3.49 16.11
CA ARG A 458 -17.99 2.83 15.28
C ARG A 458 -18.60 3.85 14.33
N THR A 459 -18.54 5.12 14.70
CA THR A 459 -19.08 6.17 13.86
C THR A 459 -18.16 6.30 12.66
N VAL A 460 -16.88 6.49 12.96
CA VAL A 460 -15.87 6.61 11.93
C VAL A 460 -15.92 5.36 11.04
N SER A 461 -15.83 4.18 11.64
CA SER A 461 -15.85 2.93 10.86
C SER A 461 -17.10 2.78 9.99
N LYS A 462 -18.23 3.30 10.44
CA LYS A 462 -19.46 3.20 9.67
C LYS A 462 -19.32 4.07 8.43
N ALA A 463 -18.75 5.26 8.63
CA ALA A 463 -18.56 6.23 7.54
C ALA A 463 -17.58 5.74 6.48
N MET A 464 -16.39 5.35 6.91
CA MET A 464 -15.37 4.87 5.98
C MET A 464 -15.85 3.67 5.19
N ILE A 465 -16.46 2.68 5.84
CA ILE A 465 -16.96 1.49 5.15
C ILE A 465 -18.05 1.89 4.17
N ALA A 466 -18.79 2.94 4.51
CA ALA A 466 -19.84 3.43 3.64
C ALA A 466 -19.24 4.08 2.40
N TYR A 467 -18.25 4.96 2.58
CA TYR A 467 -17.58 5.65 1.48
C TYR A 467 -16.87 4.69 0.53
N TRP A 468 -16.05 3.80 1.09
CA TRP A 468 -15.33 2.81 0.28
C TRP A 468 -16.25 1.93 -0.56
N THR A 469 -17.32 1.42 0.04
CA THR A 469 -18.24 0.53 -0.66
C THR A 469 -19.19 1.22 -1.65
N ASN A 470 -19.61 2.43 -1.33
CA ASN A 470 -20.48 3.19 -2.24
C ASN A 470 -19.63 3.43 -3.47
N PHE A 471 -18.40 3.91 -3.25
CA PHE A 471 -17.47 4.16 -4.33
C PHE A 471 -17.22 2.89 -5.12
N ALA A 472 -16.99 1.78 -4.43
CA ALA A 472 -16.73 0.50 -5.11
C ALA A 472 -17.90 0.07 -5.97
N ARG A 473 -19.06 0.68 -5.72
CA ARG A 473 -20.30 0.37 -6.42
C ARG A 473 -20.68 1.32 -7.55
N THR A 474 -20.55 2.62 -7.30
CA THR A 474 -20.94 3.61 -8.28
C THR A 474 -19.82 4.50 -8.79
N GLY A 475 -18.66 4.46 -8.15
CA GLY A 475 -17.58 5.33 -8.54
C GLY A 475 -17.78 6.63 -7.79
N ASP A 476 -18.91 6.72 -7.08
CA ASP A 476 -19.25 7.88 -6.27
C ASP A 476 -19.37 7.47 -4.82
N PRO A 477 -18.58 8.10 -3.93
CA PRO A 477 -18.59 7.79 -2.51
C PRO A 477 -19.95 8.14 -1.85
N ASN A 478 -20.65 9.09 -2.46
CA ASN A 478 -21.94 9.57 -1.97
C ASN A 478 -23.17 8.82 -2.47
N THR A 479 -22.97 7.76 -3.24
CA THR A 479 -24.10 7.03 -3.77
C THR A 479 -23.80 5.56 -3.85
N GLY A 480 -24.70 4.78 -3.28
CA GLY A 480 -24.54 3.35 -3.27
C GLY A 480 -25.46 2.72 -2.25
N HIS A 481 -25.02 1.58 -1.74
CA HIS A 481 -25.79 0.81 -0.78
C HIS A 481 -25.88 1.43 0.61
N SER A 482 -25.08 2.43 0.90
CA SER A 482 -25.08 3.02 2.22
C SER A 482 -25.28 4.54 2.33
N THR A 483 -25.62 4.97 3.54
CA THR A 483 -25.85 6.38 3.83
C THR A 483 -24.54 7.05 4.23
N VAL A 484 -24.21 8.09 3.49
CA VAL A 484 -23.00 8.85 3.72
C VAL A 484 -23.28 9.96 4.74
N PRO A 485 -22.39 10.15 5.73
CA PRO A 485 -22.54 11.17 6.77
C PRO A 485 -22.41 12.62 6.27
N ALA A 486 -21.50 12.84 5.33
CA ALA A 486 -21.27 14.16 4.76
C ALA A 486 -20.93 13.98 3.29
N ASN A 487 -21.28 14.96 2.46
CA ASN A 487 -20.98 14.87 1.03
C ASN A 487 -19.48 14.91 0.76
N TRP A 488 -19.04 14.04 -0.14
CA TRP A 488 -17.64 13.98 -0.50
C TRP A 488 -17.58 14.58 -1.89
N ASP A 489 -17.02 15.78 -2.01
CA ASP A 489 -16.93 16.44 -3.31
C ASP A 489 -15.76 15.97 -4.17
N PRO A 490 -16.02 15.74 -5.47
CA PRO A 490 -15.03 15.30 -6.44
C PRO A 490 -13.93 16.35 -6.53
N TYR A 491 -12.69 15.89 -6.62
CA TYR A 491 -11.52 16.76 -6.68
C TYR A 491 -11.44 17.71 -7.89
N THR A 492 -10.88 18.89 -7.65
CA THR A 492 -10.68 19.89 -8.70
C THR A 492 -9.36 20.56 -8.39
N LEU A 493 -8.58 20.83 -9.43
CA LEU A 493 -7.29 21.50 -9.27
C LEU A 493 -7.57 22.92 -8.79
N GLU A 494 -8.75 23.39 -9.16
CA GLU A 494 -9.20 24.75 -8.85
C GLU A 494 -9.35 24.99 -7.34
N ASP A 495 -9.96 24.02 -6.65
CA ASP A 495 -10.21 24.12 -5.22
C ASP A 495 -9.25 23.33 -4.37
N ASP A 496 -8.76 22.20 -4.90
CA ASP A 496 -7.86 21.32 -4.16
C ASP A 496 -8.61 20.98 -2.86
N ASN A 497 -9.79 20.39 -3.06
CA ASN A 497 -10.70 20.02 -1.99
C ASN A 497 -10.52 18.58 -1.50
N TYR A 498 -10.47 18.44 -0.19
CA TYR A 498 -10.30 17.15 0.49
C TYR A 498 -11.25 16.98 1.69
N LEU A 499 -11.80 15.78 1.83
CA LEU A 499 -12.70 15.49 2.95
C LEU A 499 -11.85 15.12 4.16
N GLU A 500 -12.01 15.84 5.27
CA GLU A 500 -11.26 15.47 6.45
C GLU A 500 -12.14 14.46 7.18
N ILE A 501 -11.64 13.22 7.26
CA ILE A 501 -12.35 12.10 7.89
C ILE A 501 -12.05 11.90 9.39
N ASN A 502 -13.11 11.94 10.18
CA ASN A 502 -13.02 11.77 11.62
C ASN A 502 -14.43 11.67 12.19
N LYS A 503 -14.56 11.91 13.49
CA LYS A 503 -15.85 11.83 14.16
C LYS A 503 -16.87 12.92 13.82
N GLN A 504 -16.41 14.12 13.49
CA GLN A 504 -17.29 15.23 13.18
C GLN A 504 -17.66 15.35 11.72
N MET A 505 -18.20 14.28 11.15
CA MET A 505 -18.58 14.29 9.75
C MET A 505 -19.79 15.18 9.45
N ASP A 506 -19.55 16.35 8.86
CA ASP A 506 -20.63 17.25 8.51
C ASP A 506 -20.30 18.06 7.27
N SER A 507 -21.13 19.05 6.96
CA SER A 507 -20.95 19.91 5.80
C SER A 507 -19.59 20.57 5.73
N ASN A 508 -19.02 20.84 6.91
CA ASN A 508 -17.71 21.48 6.99
C ASN A 508 -16.53 20.51 7.00
N SER A 509 -16.79 19.24 6.67
CA SER A 509 -15.72 18.24 6.62
C SER A 509 -14.91 18.37 5.32
N MET A 510 -15.54 18.96 4.30
CA MET A 510 -14.89 19.19 3.01
C MET A 510 -14.04 20.44 3.18
N LYS A 511 -12.74 20.30 2.92
CA LYS A 511 -11.81 21.41 3.07
C LYS A 511 -11.03 21.66 1.78
N LEU A 512 -10.28 22.76 1.77
CA LEU A 512 -9.51 23.13 0.58
C LEU A 512 -8.07 23.48 0.90
N HIS A 513 -7.22 23.33 -0.11
CA HIS A 513 -5.80 23.66 -0.05
C HIS A 513 -5.00 23.15 1.12
N LEU A 514 -4.82 21.84 1.21
CA LEU A 514 -4.04 21.30 2.28
C LEU A 514 -2.54 21.43 1.97
N ARG A 515 -1.87 22.28 2.72
CA ARG A 515 -0.43 22.53 2.59
C ARG A 515 0.08 22.84 1.19
N THR A 516 -0.72 23.61 0.44
CA THR A 516 -0.39 24.02 -0.92
C THR A 516 1.04 24.57 -1.04
N ASN A 517 1.39 25.48 -0.13
CA ASN A 517 2.72 26.09 -0.14
C ASN A 517 3.90 25.10 -0.07
N TYR A 518 3.71 23.95 0.57
CA TYR A 518 4.78 22.97 0.67
C TYR A 518 4.81 22.15 -0.59
N LEU A 519 3.65 21.99 -1.22
CA LEU A 519 3.55 21.25 -2.47
C LEU A 519 4.43 22.03 -3.42
N GLN A 520 4.26 23.34 -3.37
CA GLN A 520 5.01 24.28 -4.20
C GLN A 520 6.50 24.15 -3.97
N PHE A 521 6.94 24.30 -2.72
CA PHE A 521 8.36 24.18 -2.40
C PHE A 521 8.99 22.89 -2.96
N TRP A 522 8.43 21.76 -2.61
CA TRP A 522 9.00 20.50 -3.07
C TRP A 522 8.99 20.32 -4.57
N THR A 523 7.93 20.75 -5.21
CA THR A 523 7.82 20.58 -6.66
C THR A 523 8.43 21.66 -7.56
N GLN A 524 8.58 22.89 -7.06
CA GLN A 524 9.16 23.95 -7.88
C GLN A 524 10.56 24.35 -7.44
N THR A 525 10.66 25.01 -6.29
CA THR A 525 11.94 25.46 -5.74
C THR A 525 12.95 24.33 -5.57
N TYR A 526 12.65 23.42 -4.67
CA TYR A 526 13.52 22.29 -4.39
C TYR A 526 13.97 21.61 -5.67
N GLN A 527 13.00 21.21 -6.48
CA GLN A 527 13.29 20.52 -7.74
C GLN A 527 14.25 21.28 -8.62
N ALA A 528 14.22 22.60 -8.56
CA ALA A 528 15.09 23.44 -9.38
C ALA A 528 16.55 23.45 -8.91
N LEU A 529 16.79 23.08 -7.65
CA LEU A 529 18.14 23.04 -7.10
C LEU A 529 19.02 21.98 -7.79
N PRO A 530 20.31 22.27 -7.97
CA PRO A 530 21.17 21.27 -8.63
C PRO A 530 21.27 20.00 -7.79
N THR A 531 21.17 18.87 -8.47
CA THR A 531 21.23 17.57 -7.83
C THR A 531 22.65 17.02 -7.78
N VAL A 532 22.93 16.20 -6.77
CA VAL A 532 24.22 15.56 -6.68
C VAL A 532 24.03 14.26 -7.49
N THR A 533 23.40 14.40 -8.66
CA THR A 533 23.13 13.28 -9.58
C THR A 533 24.48 12.67 -9.84
N SER A 534 25.46 13.57 -9.71
CA SER A 534 26.84 13.29 -9.86
C SER A 534 27.12 11.81 -9.56
N ALA A 535 27.29 11.07 -10.64
CA ALA A 535 27.58 9.64 -10.61
C ALA A 535 28.49 9.31 -11.78
N GLY A 536 29.08 10.34 -12.38
CA GLY A 536 29.94 10.13 -13.53
C GLY A 536 29.08 9.65 -14.67
N ALA A 537 29.24 8.38 -15.03
CA ALA A 537 28.44 7.81 -16.11
C ALA A 537 27.54 6.69 -15.59
N SER A 538 27.40 6.63 -14.27
CA SER A 538 26.55 5.61 -13.62
C SER A 538 25.09 6.03 -13.75
N LEU A 539 24.72 6.47 -14.95
CA LEU A 539 23.37 6.94 -15.22
C LEU A 539 22.61 5.84 -15.97
N LEU A 540 21.28 5.92 -15.92
CA LEU A 540 20.41 4.93 -16.55
C LEU A 540 20.87 4.42 -17.94
N PRO A 541 21.17 5.33 -18.88
CA PRO A 541 21.62 4.81 -20.18
C PRO A 541 23.07 4.27 -20.20
N PRO A 542 24.05 5.04 -19.68
CA PRO A 542 25.45 4.61 -19.66
C PRO A 542 25.85 3.43 -18.77
N GLU A 543 26.53 2.49 -19.41
CA GLU A 543 27.06 1.27 -18.77
C GLU A 543 26.03 0.34 -18.16
N ASP A 544 25.02 -0.03 -18.95
CA ASP A 544 24.00 -0.96 -18.50
C ASP A 544 24.05 -2.20 -19.38
N ASN A 545 25.08 -2.25 -20.24
CA ASN A 545 25.32 -3.36 -21.16
C ASN A 545 24.15 -3.69 -22.09
N SER A 546 23.43 -2.65 -22.53
CA SER A 546 22.28 -2.84 -23.39
C SER A 546 21.23 -3.76 -22.78
N GLN A 547 21.11 -3.71 -21.46
CA GLN A 547 20.14 -4.54 -20.77
C GLN A 547 20.38 -6.01 -21.01
#